data_7ZYP
#
_entry.id   7ZYP
#
_cell.length_a   141.800
_cell.length_b   141.800
_cell.length_c   141.800
_cell.angle_alpha   90.000
_cell.angle_beta   90.000
_cell.angle_gamma   90.000
#
_symmetry.space_group_name_H-M   'I 2 3'
#
loop_
_entity.id
_entity.type
_entity.pdbx_description
1 polymer 'Epidermal growth factor receptor'
2 non-polymer 'propan-2-yl 2-[[4-(4-azanylpiperidin-1-yl)-2-methoxy-phenyl]amino]-4-(1-methylindol-3-yl)pyrimidine-5-carboxylate'
3 non-polymer '2-(N-MORPHOLINO)-ETHANESULFONIC ACID'
4 water water
#
_entity_poly.entity_id   1
_entity_poly.type   'polypeptide(L)'
_entity_poly.pdbx_seq_one_letter_code
;GSHMASGEAPNQALLRILKETEFKKIKVLGSGAFGTVYKGLWIPEGEKVKIPVAIKELREATSPKANKEILDEAYVMASV
DNPHVCRLLGICLTSTVQLIMQLMPFGSLLDYVREHKDNIGSQYLLNWCVQIAKGMNYLEDRRLVHRDLAARNVLVKTPQ
HVKITDFGLAKLLGAAAAEYHAEGGKVPIKWMALESILHRIYTHQSDVWSYGVTVWELMTFGSKPYDGIPASEISSILEK
GERLPQPPICTIDVYMIMVKCWMIDADSRPKFRELIIEFSKMARDPQRYLVIQGDERMHLPSPTDSNFYRALMDEEDMDD
VVDADEYLIPQQG
;
_entity_poly.pdbx_strand_id   A
#
loop_
_chem_comp.id
_chem_comp.type
_chem_comp.name
_chem_comp.formula
MES non-polymer '2-(N-MORPHOLINO)-ETHANESULFONIC ACID' 'C6 H13 N O4 S'
R25 non-polymer 'propan-2-yl 2-[[4-(4-azanylpiperidin-1-yl)-2-methoxy-phenyl]amino]-4-(1-methylindol-3-yl)pyrimidine-5-carboxylate' 'C29 H34 N6 O3'
#
# COMPACT_ATOMS: atom_id res chain seq x y z
N SER A 6 -1.47 14.56 24.83
CA SER A 6 -0.32 13.66 24.70
C SER A 6 0.78 14.29 23.84
N GLY A 7 1.94 13.64 23.81
CA GLY A 7 3.08 14.13 23.06
C GLY A 7 3.67 13.05 22.18
N GLU A 8 4.75 13.41 21.49
CA GLU A 8 5.38 12.54 20.51
C GLU A 8 6.65 11.91 21.09
N ALA A 9 6.84 10.63 20.82
CA ALA A 9 8.01 9.89 21.26
C ALA A 9 9.12 9.95 20.22
N PRO A 10 10.38 9.77 20.62
CA PRO A 10 11.47 9.77 19.65
C PRO A 10 11.40 8.56 18.72
N ASN A 11 11.90 8.75 17.51
CA ASN A 11 11.87 7.74 16.44
C ASN A 11 13.28 7.19 16.28
N GLN A 12 13.56 6.06 16.94
CA GLN A 12 14.88 5.45 16.95
C GLN A 12 15.06 4.42 15.86
N ALA A 13 14.36 4.56 14.74
CA ALA A 13 14.54 3.65 13.62
C ALA A 13 15.94 3.80 13.03
N LEU A 14 16.50 2.69 12.55
CA LEU A 14 17.84 2.66 12.00
C LEU A 14 17.78 2.68 10.48
N LEU A 15 18.73 3.40 9.87
CA LEU A 15 18.87 3.43 8.42
C LEU A 15 20.23 2.84 8.06
N ARG A 16 20.22 1.79 7.26
CA ARG A 16 21.44 1.09 6.90
C ARG A 16 21.88 1.53 5.50
N ILE A 17 23.18 1.76 5.35
CA ILE A 17 23.77 2.17 4.09
C ILE A 17 24.57 1.00 3.55
N LEU A 18 24.20 0.52 2.37
CA LEU A 18 24.84 -0.63 1.76
C LEU A 18 25.85 -0.19 0.70
N LYS A 19 26.79 -1.07 0.40
CA LYS A 19 27.78 -0.83 -0.64
C LYS A 19 27.29 -1.44 -1.96
N GLU A 20 27.65 -0.78 -3.06
CA GLU A 20 27.21 -1.26 -4.36
C GLU A 20 27.76 -2.64 -4.67
N THR A 21 28.88 -3.01 -4.05
CA THR A 21 29.52 -4.28 -4.34
C THR A 21 28.74 -5.46 -3.78
N GLU A 22 27.99 -5.27 -2.70
CA GLU A 22 27.42 -6.38 -1.96
C GLU A 22 25.99 -6.71 -2.40
N PHE A 23 25.51 -6.15 -3.50
CA PHE A 23 24.28 -6.62 -4.12
C PHE A 23 24.44 -6.60 -5.64
N LYS A 24 23.76 -7.54 -6.30
CA LYS A 24 23.89 -7.77 -7.74
C LYS A 24 22.52 -7.72 -8.39
N LYS A 25 22.34 -6.80 -9.33
CA LYS A 25 21.13 -6.78 -10.13
C LYS A 25 21.16 -7.92 -11.13
N ILE A 26 19.97 -8.44 -11.44
CA ILE A 26 19.86 -9.67 -12.22
C ILE A 26 18.96 -9.46 -13.43
N LYS A 27 17.79 -8.85 -13.22
CA LYS A 27 16.86 -8.59 -14.32
C LYS A 27 16.05 -7.33 -14.03
N VAL A 28 15.35 -6.86 -15.06
CA VAL A 28 14.48 -5.70 -14.97
C VAL A 28 13.05 -6.17 -14.74
N LEU A 29 12.42 -5.62 -13.70
CA LEU A 29 11.00 -5.87 -13.42
C LEU A 29 10.10 -4.80 -14.03
N GLY A 30 10.53 -3.55 -14.02
CA GLY A 30 9.76 -2.48 -14.61
C GLY A 30 10.62 -1.25 -14.85
N SER A 31 10.15 -0.42 -15.78
CA SER A 31 10.83 0.82 -16.13
C SER A 31 9.80 1.93 -16.28
N GLY A 32 10.23 3.15 -16.01
CA GLY A 32 9.35 4.29 -16.15
C GLY A 32 10.01 5.56 -15.67
N ALA A 33 9.18 6.58 -15.42
CA ALA A 33 9.68 7.87 -14.97
C ALA A 33 10.38 7.76 -13.63
N PHE A 34 9.88 6.91 -12.74
CA PHE A 34 10.51 6.69 -11.44
C PHE A 34 11.94 6.21 -11.59
N GLY A 35 12.28 5.62 -12.73
CA GLY A 35 13.59 5.05 -12.94
C GLY A 35 13.48 3.61 -13.42
N THR A 36 14.32 2.74 -12.87
CA THR A 36 14.31 1.33 -13.20
C THR A 36 14.32 0.52 -11.91
N VAL A 37 13.52 -0.54 -11.87
CA VAL A 37 13.46 -1.45 -10.73
C VAL A 37 13.98 -2.80 -11.15
N TYR A 38 15.01 -3.29 -10.45
CA TYR A 38 15.64 -4.55 -10.74
C TYR A 38 15.24 -5.61 -9.73
N LYS A 39 15.32 -6.86 -10.16
CA LYS A 39 15.31 -8.01 -9.28
C LYS A 39 16.77 -8.38 -9.02
N GLY A 40 17.13 -8.59 -7.75
CA GLY A 40 18.50 -8.88 -7.44
C GLY A 40 18.65 -9.65 -6.14
N LEU A 41 19.90 -9.98 -5.83
CA LEU A 41 20.27 -10.60 -4.57
C LEU A 41 21.17 -9.65 -3.79
N TRP A 42 20.97 -9.60 -2.48
CA TRP A 42 21.84 -8.85 -1.58
C TRP A 42 22.58 -9.83 -0.69
N ILE A 43 23.88 -9.62 -0.54
CA ILE A 43 24.72 -10.47 0.29
C ILE A 43 25.46 -9.60 1.30
N PRO A 44 24.96 -9.43 2.51
CA PRO A 44 25.70 -8.67 3.52
C PRO A 44 27.08 -9.29 3.74
N GLU A 45 28.11 -8.46 3.62
CA GLU A 45 29.48 -8.95 3.69
C GLU A 45 29.75 -9.66 5.01
N GLY A 46 30.24 -10.90 4.92
CA GLY A 46 30.61 -11.64 6.10
C GLY A 46 29.44 -12.08 6.97
N GLU A 47 28.26 -12.26 6.38
CA GLU A 47 27.09 -12.72 7.12
C GLU A 47 26.51 -14.02 6.60
N LYS A 48 26.97 -14.52 5.44
CA LYS A 48 26.61 -15.85 4.94
C LYS A 48 25.10 -15.99 4.76
N VAL A 49 24.49 -14.98 4.11
CA VAL A 49 23.08 -14.99 3.78
C VAL A 49 22.90 -14.37 2.40
N LYS A 50 21.87 -14.80 1.70
CA LYS A 50 21.50 -14.24 0.40
C LYS A 50 20.04 -13.81 0.47
N ILE A 51 19.79 -12.52 0.32
CA ILE A 51 18.46 -11.96 0.52
C ILE A 51 17.94 -11.46 -0.83
N PRO A 52 16.88 -12.08 -1.36
CA PRO A 52 16.33 -11.61 -2.65
C PRO A 52 15.68 -10.26 -2.50
N VAL A 53 16.14 -9.30 -3.31
CA VAL A 53 15.75 -7.90 -3.15
C VAL A 53 15.27 -7.34 -4.47
N ALA A 54 14.48 -6.28 -4.38
CA ALA A 54 14.13 -5.42 -5.49
C ALA A 54 14.88 -4.11 -5.32
N ILE A 55 15.66 -3.74 -6.33
CA ILE A 55 16.48 -2.54 -6.30
C ILE A 55 15.90 -1.52 -7.27
N LYS A 56 15.74 -0.29 -6.81
CA LYS A 56 15.19 0.79 -7.62
C LYS A 56 16.20 1.93 -7.67
N GLU A 57 16.64 2.29 -8.87
CA GLU A 57 17.53 3.43 -9.05
C GLU A 57 16.82 4.48 -9.90
N LEU A 58 17.06 5.75 -9.56
CA LEU A 58 16.45 6.85 -10.28
C LEU A 58 16.98 6.91 -11.71
N ARG A 59 16.11 7.31 -12.64
CA ARG A 59 16.47 7.27 -14.05
C ARG A 59 17.62 8.23 -14.36
N GLU A 60 17.50 9.47 -13.91
CA GLU A 60 18.50 10.51 -14.16
C GLU A 60 19.23 10.81 -12.87
N ALA A 61 20.56 10.91 -12.95
CA ALA A 61 21.35 11.26 -11.78
C ALA A 61 21.13 12.73 -11.41
N THR A 62 21.02 13.59 -12.41
CA THR A 62 20.87 15.04 -12.19
C THR A 62 19.39 15.41 -12.15
N SER A 63 18.75 15.07 -11.02
CA SER A 63 17.36 15.44 -10.76
C SER A 63 17.23 15.79 -9.30
N PRO A 64 17.39 17.06 -8.92
CA PRO A 64 17.46 17.41 -7.49
C PRO A 64 16.15 17.18 -6.74
N LYS A 65 15.00 17.41 -7.39
CA LYS A 65 13.73 17.17 -6.72
C LYS A 65 13.52 15.69 -6.44
N ALA A 66 13.97 14.83 -7.36
CA ALA A 66 13.75 13.39 -7.20
C ALA A 66 14.50 12.83 -6.00
N ASN A 67 15.77 13.24 -5.83
CA ASN A 67 16.59 12.72 -4.74
C ASN A 67 16.04 13.13 -3.39
N LYS A 68 15.56 14.38 -3.28
CA LYS A 68 14.91 14.81 -2.05
C LYS A 68 13.63 14.03 -1.80
N GLU A 69 12.91 13.69 -2.86
CA GLU A 69 11.65 12.98 -2.70
C GLU A 69 11.84 11.49 -2.45
N ILE A 70 12.88 10.89 -3.01
CA ILE A 70 13.10 9.47 -2.77
C ILE A 70 13.66 9.24 -1.37
N LEU A 71 14.53 10.13 -0.89
CA LEU A 71 15.01 10.02 0.48
C LEU A 71 13.88 10.22 1.48
N ASP A 72 12.86 11.00 1.11
CA ASP A 72 11.68 11.13 1.96
C ASP A 72 10.95 9.79 2.08
N GLU A 73 10.90 9.02 0.99
CA GLU A 73 10.28 7.70 1.05
C GLU A 73 11.09 6.75 1.90
N ALA A 74 12.43 6.80 1.79
CA ALA A 74 13.27 5.95 2.61
C ALA A 74 13.12 6.28 4.08
N TYR A 75 12.98 7.57 4.41
CA TYR A 75 12.74 7.97 5.79
C TYR A 75 11.48 7.32 6.33
N VAL A 76 10.39 7.35 5.56
CA VAL A 76 9.12 6.79 6.02
C VAL A 76 9.23 5.28 6.18
N MET A 77 9.76 4.60 5.16
CA MET A 77 9.80 3.14 5.19
C MET A 77 10.78 2.62 6.24
N ALA A 78 11.83 3.39 6.55
CA ALA A 78 12.76 2.98 7.60
C ALA A 78 12.11 3.01 8.98
N SER A 79 10.99 3.72 9.11
CA SER A 79 10.37 3.94 10.41
C SER A 79 9.25 2.96 10.70
N VAL A 80 8.89 2.09 9.76
CA VAL A 80 7.76 1.19 9.89
C VAL A 80 8.25 -0.25 9.94
N ASP A 81 7.77 -1.01 10.92
CA ASP A 81 8.08 -2.44 11.07
C ASP A 81 6.77 -3.16 11.41
N ASN A 82 6.17 -3.82 10.41
CA ASN A 82 4.91 -4.52 10.61
C ASN A 82 4.77 -5.62 9.55
N PRO A 83 4.25 -6.80 9.92
CA PRO A 83 4.14 -7.90 8.94
C PRO A 83 3.41 -7.54 7.66
N HIS A 84 2.60 -6.48 7.66
CA HIS A 84 1.75 -6.15 6.53
C HIS A 84 2.07 -4.78 5.95
N VAL A 85 3.26 -4.27 6.24
CA VAL A 85 3.78 -3.08 5.58
C VAL A 85 5.16 -3.42 5.03
N CYS A 86 5.45 -2.91 3.83
CA CYS A 86 6.67 -3.28 3.11
C CYS A 86 7.92 -2.96 3.93
N ARG A 87 8.95 -3.75 3.68
CA ARG A 87 10.19 -3.72 4.45
C ARG A 87 11.30 -3.08 3.62
N LEU A 88 11.90 -2.02 4.14
CA LEU A 88 13.08 -1.43 3.54
C LEU A 88 14.33 -2.10 4.10
N LEU A 89 15.26 -2.45 3.22
CA LEU A 89 16.49 -3.10 3.64
C LEU A 89 17.67 -2.16 3.73
N GLY A 90 17.74 -1.16 2.86
CA GLY A 90 18.79 -0.17 2.93
C GLY A 90 18.77 0.71 1.70
N ILE A 91 19.71 1.66 1.68
CA ILE A 91 19.91 2.51 0.52
C ILE A 91 21.39 2.51 0.18
N CYS A 92 21.68 2.84 -1.07
CA CYS A 92 23.04 2.94 -1.56
C CYS A 92 23.22 4.32 -2.16
N LEU A 93 24.28 5.02 -1.75
CA LEU A 93 24.49 6.40 -2.16
C LEU A 93 25.52 6.46 -3.29
N THR A 94 25.15 5.87 -4.43
CA THR A 94 25.95 5.96 -5.64
C THR A 94 25.62 7.26 -6.37
N SER A 95 26.18 7.40 -7.58
CA SER A 95 25.88 8.57 -8.41
C SER A 95 24.37 8.71 -8.60
N THR A 96 23.71 7.61 -8.94
CA THR A 96 22.25 7.52 -8.94
C THR A 96 21.86 6.80 -7.66
N VAL A 97 21.21 7.52 -6.74
CA VAL A 97 20.83 6.91 -5.47
C VAL A 97 19.81 5.81 -5.72
N GLN A 98 19.94 4.71 -4.98
CA GLN A 98 19.08 3.55 -5.17
C GLN A 98 18.80 2.90 -3.83
N LEU A 99 17.54 2.61 -3.57
CA LEU A 99 17.12 1.95 -2.35
C LEU A 99 16.74 0.51 -2.61
N ILE A 100 16.87 -0.31 -1.57
CA ILE A 100 16.78 -1.76 -1.67
C ILE A 100 15.62 -2.23 -0.80
N MET A 101 14.67 -2.92 -1.41
CA MET A 101 13.47 -3.36 -0.72
C MET A 101 13.33 -4.88 -0.85
N GLN A 102 12.50 -5.44 0.03
CA GLN A 102 12.21 -6.86 -0.04
C GLN A 102 11.49 -7.18 -1.35
N LEU A 103 11.86 -8.31 -1.94
CA LEU A 103 11.27 -8.72 -3.20
C LEU A 103 9.90 -9.35 -2.97
N MET A 104 8.89 -8.86 -3.67
CA MET A 104 7.53 -9.42 -3.59
C MET A 104 7.24 -10.17 -4.88
N PRO A 105 7.42 -11.50 -4.89
CA PRO A 105 7.51 -12.23 -6.17
C PRO A 105 6.27 -12.15 -7.05
N PHE A 106 5.11 -11.80 -6.51
CA PHE A 106 3.88 -11.88 -7.27
C PHE A 106 3.39 -10.52 -7.76
N GLY A 107 4.22 -9.49 -7.65
CA GLY A 107 3.82 -8.18 -8.12
C GLY A 107 2.68 -7.59 -7.31
N SER A 108 2.08 -6.56 -7.90
CA SER A 108 1.01 -5.85 -7.22
C SER A 108 -0.26 -6.68 -7.16
N LEU A 109 -1.07 -6.44 -6.12
CA LEU A 109 -2.30 -7.19 -5.94
C LEU A 109 -3.32 -6.87 -7.02
N LEU A 110 -3.26 -5.66 -7.57
CA LEU A 110 -4.18 -5.29 -8.64
C LEU A 110 -3.94 -6.15 -9.88
N ASP A 111 -2.68 -6.29 -10.29
CA ASP A 111 -2.37 -7.16 -11.41
C ASP A 111 -2.68 -8.62 -11.10
N TYR A 112 -2.57 -9.02 -9.82
CA TYR A 112 -2.78 -10.42 -9.47
C TYR A 112 -4.23 -10.83 -9.66
N VAL A 113 -5.17 -10.06 -9.10
CA VAL A 113 -6.58 -10.41 -9.25
C VAL A 113 -7.01 -10.32 -10.71
N ARG A 114 -6.36 -9.47 -11.50
CA ARG A 114 -6.69 -9.39 -12.91
C ARG A 114 -6.19 -10.61 -13.66
N GLU A 115 -4.97 -11.07 -13.35
CA GLU A 115 -4.40 -12.25 -13.99
C GLU A 115 -5.03 -13.54 -13.51
N HIS A 116 -5.58 -13.58 -12.30
CA HIS A 116 -6.17 -14.79 -11.75
C HIS A 116 -7.63 -14.60 -11.36
N LYS A 117 -8.37 -13.77 -12.12
CA LYS A 117 -9.79 -13.60 -11.84
C LYS A 117 -10.53 -14.93 -11.91
N ASP A 118 -10.01 -15.89 -12.67
CA ASP A 118 -10.75 -17.12 -12.94
C ASP A 118 -10.94 -17.97 -11.69
N ASN A 119 -9.89 -18.07 -10.84
CA ASN A 119 -9.91 -18.95 -9.68
C ASN A 119 -9.27 -18.25 -8.47
N ILE A 120 -9.97 -17.25 -7.94
CA ILE A 120 -9.63 -16.65 -6.65
C ILE A 120 -10.80 -16.90 -5.72
N GLY A 121 -10.53 -17.54 -4.58
CA GLY A 121 -11.59 -17.89 -3.65
C GLY A 121 -12.00 -16.73 -2.76
N SER A 122 -13.20 -16.86 -2.19
CA SER A 122 -13.74 -15.84 -1.31
C SER A 122 -12.88 -15.67 -0.05
N GLN A 123 -12.16 -16.71 0.36
CA GLN A 123 -11.36 -16.60 1.57
C GLN A 123 -10.11 -15.75 1.33
N TYR A 124 -9.50 -15.87 0.16
CA TYR A 124 -8.37 -15.01 -0.16
C TYR A 124 -8.78 -13.54 -0.13
N LEU A 125 -9.89 -13.22 -0.79
CA LEU A 125 -10.34 -11.83 -0.84
C LEU A 125 -10.59 -11.26 0.55
N LEU A 126 -11.23 -12.04 1.43
CA LEU A 126 -11.50 -11.55 2.77
C LEU A 126 -10.22 -11.43 3.58
N ASN A 127 -9.34 -12.44 3.52
CA ASN A 127 -8.07 -12.36 4.23
C ASN A 127 -7.27 -11.15 3.80
N TRP A 128 -7.27 -10.84 2.49
CA TRP A 128 -6.56 -9.65 2.02
C TRP A 128 -7.13 -8.40 2.65
N CYS A 129 -8.46 -8.28 2.69
CA CYS A 129 -9.09 -7.14 3.35
C CYS A 129 -8.61 -7.00 4.79
N VAL A 130 -8.51 -8.12 5.52
CA VAL A 130 -8.02 -8.07 6.90
C VAL A 130 -6.58 -7.59 6.94
N GLN A 131 -5.71 -8.21 6.14
CA GLN A 131 -4.29 -7.87 6.23
C GLN A 131 -4.04 -6.41 5.86
N ILE A 132 -4.75 -5.88 4.88
CA ILE A 132 -4.61 -4.47 4.53
C ILE A 132 -5.10 -3.59 5.66
N ALA A 133 -6.20 -3.98 6.31
CA ALA A 133 -6.67 -3.22 7.46
C ALA A 133 -5.65 -3.26 8.60
N LYS A 134 -4.99 -4.40 8.78
CA LYS A 134 -3.96 -4.49 9.82
C LYS A 134 -2.80 -3.54 9.53
N GLY A 135 -2.33 -3.50 8.28
CA GLY A 135 -1.30 -2.55 7.92
C GLY A 135 -1.72 -1.12 8.18
N MET A 136 -2.93 -0.75 7.74
CA MET A 136 -3.38 0.63 7.88
C MET A 136 -3.60 1.01 9.33
N ASN A 137 -4.02 0.05 10.17
CA ASN A 137 -4.15 0.35 11.60
C ASN A 137 -2.79 0.59 12.23
N TYR A 138 -1.74 -0.10 11.75
CA TYR A 138 -0.41 0.16 12.26
C TYR A 138 0.06 1.56 11.89
N LEU A 139 -0.14 1.96 10.63
CA LEU A 139 0.26 3.30 10.22
C LEU A 139 -0.48 4.37 11.01
N GLU A 140 -1.76 4.13 11.34
CA GLU A 140 -2.48 5.08 12.18
C GLU A 140 -1.87 5.17 13.56
N ASP A 141 -1.41 4.03 14.10
CA ASP A 141 -0.75 4.04 15.41
C ASP A 141 0.57 4.78 15.35
N ARG A 142 1.24 4.76 14.20
CA ARG A 142 2.47 5.50 14.01
C ARG A 142 2.24 6.96 13.62
N ARG A 143 0.97 7.40 13.60
CA ARG A 143 0.60 8.75 13.19
C ARG A 143 1.04 9.02 11.75
N LEU A 144 0.92 8.01 10.90
CA LEU A 144 1.32 8.10 9.50
C LEU A 144 0.10 8.04 8.60
N VAL A 145 0.04 8.95 7.64
CA VAL A 145 -1.08 9.04 6.70
C VAL A 145 -0.58 8.66 5.33
N HIS A 146 -1.14 7.58 4.78
CA HIS A 146 -0.60 7.02 3.54
C HIS A 146 -0.85 7.95 2.35
N ARG A 147 -2.09 8.37 2.16
CA ARG A 147 -2.54 9.29 1.12
C ARG A 147 -2.54 8.68 -0.28
N ASP A 148 -2.22 7.39 -0.43
CA ASP A 148 -2.16 6.80 -1.76
C ASP A 148 -2.52 5.31 -1.67
N LEU A 149 -3.42 4.96 -0.78
CA LEU A 149 -3.84 3.57 -0.64
C LEU A 149 -4.69 3.17 -1.84
N ALA A 150 -4.22 2.20 -2.61
CA ALA A 150 -4.97 1.66 -3.73
C ALA A 150 -4.47 0.25 -3.99
N ALA A 151 -5.30 -0.54 -4.68
CA ALA A 151 -4.93 -1.92 -4.97
C ALA A 151 -3.59 -2.03 -5.69
N ARG A 152 -3.26 -1.03 -6.53
CA ARG A 152 -1.97 -1.03 -7.21
C ARG A 152 -0.81 -0.87 -6.25
N ASN A 153 -1.05 -0.33 -5.05
CA ASN A 153 0.00 -0.10 -4.07
C ASN A 153 0.00 -1.15 -2.97
N VAL A 154 -0.43 -2.36 -3.29
CA VAL A 154 -0.36 -3.50 -2.39
C VAL A 154 0.43 -4.58 -3.10
N LEU A 155 1.58 -4.96 -2.54
CA LEU A 155 2.40 -6.01 -3.12
C LEU A 155 2.05 -7.36 -2.49
N VAL A 156 2.41 -8.43 -3.20
CA VAL A 156 2.04 -9.79 -2.82
C VAL A 156 3.31 -10.58 -2.57
N LYS A 157 3.53 -10.99 -1.33
CA LYS A 157 4.67 -11.85 -1.02
C LYS A 157 4.35 -13.29 -1.41
N THR A 158 3.28 -13.83 -0.86
CA THR A 158 2.64 -15.09 -1.26
C THR A 158 1.18 -14.79 -1.42
N PRO A 159 0.41 -15.70 -2.07
CA PRO A 159 -1.03 -15.46 -2.22
C PRO A 159 -1.76 -15.26 -0.90
N GLN A 160 -1.15 -15.69 0.20
CA GLN A 160 -1.73 -15.59 1.53
C GLN A 160 -1.04 -14.56 2.40
N HIS A 161 -0.29 -13.63 1.79
CA HIS A 161 0.43 -12.60 2.55
C HIS A 161 0.69 -11.42 1.65
N VAL A 162 0.05 -10.29 1.96
CA VAL A 162 0.14 -9.06 1.19
C VAL A 162 0.71 -7.95 2.07
N LYS A 163 1.16 -6.87 1.43
CA LYS A 163 1.84 -5.78 2.12
C LYS A 163 1.58 -4.46 1.42
N ILE A 164 1.52 -3.39 2.20
CA ILE A 164 1.27 -2.03 1.72
C ILE A 164 2.60 -1.40 1.34
N THR A 165 2.59 -0.53 0.32
CA THR A 165 3.83 0.09 -0.14
C THR A 165 3.50 1.42 -0.80
N ASP A 166 4.48 1.99 -1.50
CA ASP A 166 4.39 3.29 -2.16
C ASP A 166 4.04 4.41 -1.18
N PHE A 167 5.05 4.86 -0.42
CA PHE A 167 4.91 5.95 0.53
C PHE A 167 5.42 7.27 -0.02
N GLY A 168 5.44 7.43 -1.35
CA GLY A 168 5.92 8.67 -1.94
C GLY A 168 5.08 9.87 -1.56
N LEU A 169 3.84 9.65 -1.16
CA LEU A 169 2.94 10.73 -0.76
C LEU A 169 2.65 10.73 0.73
N ALA A 170 3.16 9.75 1.48
CA ALA A 170 2.84 9.63 2.88
C ALA A 170 3.42 10.79 3.69
N LYS A 171 2.71 11.16 4.74
CA LYS A 171 3.12 12.24 5.63
C LYS A 171 2.92 11.82 7.08
N LEU A 172 3.87 12.20 7.93
CA LEU A 172 3.78 11.89 9.36
C LEU A 172 3.05 13.02 10.06
N LEU A 173 1.87 12.71 10.61
CA LEU A 173 1.07 13.72 11.28
C LEU A 173 1.82 14.28 12.48
N GLY A 174 2.04 15.60 12.46
CA GLY A 174 2.85 16.24 13.50
C GLY A 174 2.19 16.16 14.86
N ALA A 175 3.00 16.51 15.87
CA ALA A 175 2.53 16.45 17.25
C ALA A 175 1.37 17.41 17.47
N ALA A 176 0.29 16.87 18.05
CA ALA A 176 -0.95 17.62 18.31
C ALA A 176 -1.55 18.20 17.03
N ALA A 177 -1.52 17.42 15.96
CA ALA A 177 -2.12 17.80 14.69
C ALA A 177 -3.03 16.67 14.20
N ALA A 178 -4.16 17.05 13.62
CA ALA A 178 -5.17 16.08 13.19
C ALA A 178 -5.33 15.98 11.68
N GLU A 179 -4.91 16.99 10.93
CA GLU A 179 -5.02 17.00 9.47
C GLU A 179 -3.66 17.31 8.87
N TYR A 180 -3.56 17.17 7.55
CA TYR A 180 -2.31 17.51 6.88
C TYR A 180 -2.36 18.84 6.15
N HIS A 181 -3.47 19.14 5.47
CA HIS A 181 -3.59 20.38 4.70
C HIS A 181 -2.46 20.50 3.68
N ALA A 182 -2.60 19.71 2.61
CA ALA A 182 -1.61 19.69 1.56
C ALA A 182 -1.58 21.00 0.80
N GLU A 183 -0.39 21.39 0.36
CA GLU A 183 -0.28 22.63 -0.40
C GLU A 183 -0.78 22.45 -1.83
N GLY A 184 -0.61 21.26 -2.38
CA GLY A 184 -1.02 21.00 -3.74
C GLY A 184 -0.08 20.00 -4.40
N GLY A 185 -0.46 19.60 -5.62
CA GLY A 185 0.30 18.62 -6.37
C GLY A 185 -0.58 17.59 -7.06
N LYS A 186 0.05 16.67 -7.79
CA LYS A 186 -0.68 15.63 -8.50
C LYS A 186 -1.23 14.59 -7.53
N VAL A 187 -2.43 14.09 -7.81
CA VAL A 187 -3.12 13.21 -6.87
C VAL A 187 -3.99 12.20 -7.61
N PRO A 188 -4.30 11.03 -7.01
CA PRO A 188 -5.25 10.12 -7.65
C PRO A 188 -6.68 10.33 -7.14
N ILE A 189 -7.54 10.89 -8.01
CA ILE A 189 -8.80 11.46 -7.57
C ILE A 189 -9.83 10.38 -7.23
N LYS A 190 -9.87 9.28 -7.98
CA LYS A 190 -10.90 8.27 -7.79
C LYS A 190 -10.82 7.60 -6.42
N TRP A 191 -9.69 7.69 -5.73
CA TRP A 191 -9.49 7.05 -4.44
C TRP A 191 -9.55 8.03 -3.28
N MET A 192 -9.76 9.32 -3.54
CA MET A 192 -9.67 10.34 -2.51
C MET A 192 -11.02 10.65 -1.89
N ALA A 193 -11.01 10.89 -0.58
CA ALA A 193 -12.19 11.37 0.10
C ALA A 193 -12.60 12.75 -0.46
N LEU A 194 -13.87 13.09 -0.25
CA LEU A 194 -14.38 14.37 -0.75
C LEU A 194 -13.70 15.54 -0.07
N GLU A 195 -13.42 15.44 1.23
CA GLU A 195 -12.78 16.53 1.94
C GLU A 195 -11.37 16.78 1.42
N SER A 196 -10.69 15.73 0.96
CA SER A 196 -9.38 15.90 0.36
C SER A 196 -9.48 16.58 -1.00
N ILE A 197 -10.49 16.22 -1.79
CA ILE A 197 -10.64 16.77 -3.13
C ILE A 197 -10.81 18.29 -3.07
N LEU A 198 -11.78 18.75 -2.29
CA LEU A 198 -12.12 20.17 -2.28
C LEU A 198 -11.12 20.99 -1.48
N HIS A 199 -10.66 20.48 -0.34
CA HIS A 199 -9.92 21.28 0.61
C HIS A 199 -8.50 20.81 0.87
N ARG A 200 -8.02 19.78 0.15
CA ARG A 200 -6.66 19.28 0.31
C ARG A 200 -6.35 18.89 1.75
N ILE A 201 -7.37 18.42 2.48
CA ILE A 201 -7.22 17.97 3.86
C ILE A 201 -7.19 16.46 3.87
N TYR A 202 -6.14 15.89 4.47
CA TYR A 202 -5.93 14.45 4.54
C TYR A 202 -5.81 14.03 5.99
N THR A 203 -6.59 13.02 6.39
CA THR A 203 -6.56 12.47 7.74
C THR A 203 -6.52 10.95 7.65
N HIS A 204 -6.42 10.31 8.82
CA HIS A 204 -6.54 8.85 8.86
C HIS A 204 -7.90 8.41 8.35
N GLN A 205 -8.93 9.24 8.52
CA GLN A 205 -10.24 8.91 7.97
C GLN A 205 -10.31 9.15 6.47
N SER A 206 -9.41 9.98 5.92
CA SER A 206 -9.29 10.04 4.47
C SER A 206 -8.86 8.69 3.91
N ASP A 207 -7.87 8.07 4.54
CA ASP A 207 -7.37 6.78 4.07
C ASP A 207 -8.42 5.69 4.16
N VAL A 208 -9.33 5.79 5.13
CA VAL A 208 -10.43 4.83 5.23
C VAL A 208 -11.30 4.90 4.00
N TRP A 209 -11.55 6.11 3.49
CA TRP A 209 -12.26 6.25 2.22
C TRP A 209 -11.53 5.48 1.13
N SER A 210 -10.21 5.72 0.99
CA SER A 210 -9.44 5.00 -0.01
C SER A 210 -9.49 3.50 0.22
N TYR A 211 -9.49 3.08 1.49
CA TYR A 211 -9.65 1.66 1.80
C TYR A 211 -10.92 1.12 1.19
N GLY A 212 -12.01 1.88 1.27
CA GLY A 212 -13.28 1.43 0.70
C GLY A 212 -13.19 1.22 -0.80
N VAL A 213 -12.50 2.12 -1.51
CA VAL A 213 -12.34 1.95 -2.94
C VAL A 213 -11.45 0.75 -3.23
N THR A 214 -10.39 0.56 -2.43
CA THR A 214 -9.48 -0.55 -2.65
C THR A 214 -10.21 -1.89 -2.53
N VAL A 215 -11.03 -2.04 -1.49
CA VAL A 215 -11.88 -3.23 -1.38
C VAL A 215 -12.74 -3.38 -2.62
N TRP A 216 -13.29 -2.27 -3.11
CA TRP A 216 -14.14 -2.33 -4.30
C TRP A 216 -13.38 -2.84 -5.51
N GLU A 217 -12.09 -2.50 -5.62
CA GLU A 217 -11.30 -3.03 -6.73
C GLU A 217 -11.17 -4.54 -6.65
N LEU A 218 -11.00 -5.08 -5.43
CA LEU A 218 -10.86 -6.51 -5.27
C LEU A 218 -12.17 -7.23 -5.56
N MET A 219 -13.28 -6.71 -5.03
CA MET A 219 -14.57 -7.37 -5.22
C MET A 219 -14.99 -7.38 -6.68
N THR A 220 -14.54 -6.39 -7.46
CA THR A 220 -14.82 -6.34 -8.88
C THR A 220 -13.74 -7.00 -9.72
N PHE A 221 -12.74 -7.60 -9.08
CA PHE A 221 -11.65 -8.31 -9.76
C PHE A 221 -10.82 -7.36 -10.63
N GLY A 222 -10.59 -6.16 -10.12
CA GLY A 222 -9.74 -5.22 -10.80
C GLY A 222 -10.44 -4.30 -11.77
N SER A 223 -11.69 -3.93 -11.49
CA SER A 223 -12.37 -2.98 -12.34
C SER A 223 -11.94 -1.56 -12.02
N LYS A 224 -12.07 -0.68 -13.00
CA LYS A 224 -11.66 0.69 -12.80
C LYS A 224 -12.81 1.50 -12.20
N PRO A 225 -12.58 2.24 -11.12
CA PRO A 225 -13.68 3.00 -10.52
C PRO A 225 -14.08 4.17 -11.40
N TYR A 226 -15.39 4.45 -11.42
CA TYR A 226 -15.97 5.55 -12.19
C TYR A 226 -15.44 5.55 -13.63
N ASP A 227 -15.43 4.36 -14.24
CA ASP A 227 -14.83 4.22 -15.56
C ASP A 227 -15.60 5.06 -16.58
N GLY A 228 -14.85 5.84 -17.36
CA GLY A 228 -15.42 6.71 -18.37
C GLY A 228 -15.74 8.12 -17.88
N ILE A 229 -15.71 8.36 -16.58
CA ILE A 229 -16.08 9.64 -16.00
C ILE A 229 -14.82 10.48 -15.83
N PRO A 230 -14.83 11.75 -16.23
CA PRO A 230 -13.67 12.61 -15.99
C PRO A 230 -13.50 12.91 -14.50
N ALA A 231 -12.23 13.03 -14.09
CA ALA A 231 -11.95 13.33 -12.69
C ALA A 231 -12.46 14.72 -12.32
N SER A 232 -12.60 15.61 -13.30
CA SER A 232 -13.15 16.93 -13.03
C SER A 232 -14.56 16.83 -12.45
N GLU A 233 -15.39 15.97 -13.01
CA GLU A 233 -16.78 15.84 -12.58
C GLU A 233 -16.94 14.91 -11.38
N ILE A 234 -15.86 14.39 -10.82
CA ILE A 234 -15.98 13.43 -9.72
C ILE A 234 -16.51 14.12 -8.47
N SER A 235 -16.09 15.35 -8.20
CA SER A 235 -16.47 16.02 -6.96
C SER A 235 -17.97 16.28 -6.91
N SER A 236 -18.54 16.78 -8.00
CA SER A 236 -19.97 17.08 -8.01
C SER A 236 -20.80 15.82 -7.87
N ILE A 237 -20.26 14.67 -8.25
CA ILE A 237 -21.02 13.43 -8.16
C ILE A 237 -21.18 13.01 -6.70
N LEU A 238 -20.10 13.07 -5.93
CA LEU A 238 -20.16 12.69 -4.52
C LEU A 238 -21.05 13.65 -3.74
N GLU A 239 -20.99 14.94 -4.06
CA GLU A 239 -21.76 15.93 -3.32
C GLU A 239 -23.27 15.68 -3.48
N LYS A 240 -23.68 15.20 -4.66
CA LYS A 240 -25.08 14.87 -4.91
C LYS A 240 -25.45 13.51 -4.33
N GLY A 241 -24.51 12.82 -3.68
CA GLY A 241 -24.83 11.64 -2.92
C GLY A 241 -24.59 10.32 -3.62
N GLU A 242 -24.00 10.32 -4.82
CA GLU A 242 -23.78 9.08 -5.55
C GLU A 242 -22.48 8.42 -5.08
N ARG A 243 -22.40 7.11 -5.27
CA ARG A 243 -21.23 6.32 -4.91
C ARG A 243 -21.02 5.24 -5.96
N LEU A 244 -20.10 4.32 -5.68
CA LEU A 244 -19.80 3.18 -6.53
C LEU A 244 -20.85 2.08 -6.34
N PRO A 245 -21.21 1.39 -7.41
CA PRO A 245 -22.27 0.37 -7.33
C PRO A 245 -21.81 -0.89 -6.59
N GLN A 246 -22.81 -1.71 -6.25
CA GLN A 246 -22.57 -2.93 -5.49
C GLN A 246 -21.99 -4.02 -6.40
N PRO A 247 -20.79 -4.53 -6.13
CA PRO A 247 -20.23 -5.60 -6.96
C PRO A 247 -21.13 -6.83 -6.94
N PRO A 248 -21.24 -7.53 -8.07
CA PRO A 248 -22.21 -8.63 -8.14
C PRO A 248 -21.95 -9.79 -7.18
N ILE A 249 -20.73 -9.94 -6.65
CA ILE A 249 -20.47 -11.04 -5.72
C ILE A 249 -20.61 -10.64 -4.26
N CYS A 250 -20.83 -9.35 -3.97
CA CYS A 250 -20.90 -8.90 -2.59
C CYS A 250 -22.31 -9.07 -2.04
N THR A 251 -22.42 -9.81 -0.94
CA THR A 251 -23.62 -9.74 -0.14
C THR A 251 -23.80 -8.31 0.39
N ILE A 252 -25.00 -8.04 0.91
CA ILE A 252 -25.28 -6.73 1.47
C ILE A 252 -24.39 -6.43 2.67
N ASP A 253 -23.93 -7.47 3.36
CA ASP A 253 -23.11 -7.27 4.54
C ASP A 253 -21.75 -6.66 4.18
N VAL A 254 -21.13 -7.14 3.11
CA VAL A 254 -19.84 -6.59 2.70
C VAL A 254 -20.01 -5.20 2.10
N TYR A 255 -21.04 -5.02 1.27
CA TYR A 255 -21.25 -3.72 0.63
C TYR A 255 -21.59 -2.64 1.64
N MET A 256 -22.31 -3.00 2.71
CA MET A 256 -22.68 -2.02 3.73
C MET A 256 -21.44 -1.40 4.35
N ILE A 257 -20.38 -2.19 4.52
CA ILE A 257 -19.19 -1.70 5.21
C ILE A 257 -18.44 -0.70 4.33
N MET A 258 -18.28 -1.02 3.05
CA MET A 258 -17.56 -0.07 2.20
C MET A 258 -18.38 1.19 1.93
N VAL A 259 -19.70 1.12 2.00
CA VAL A 259 -20.51 2.33 1.91
C VAL A 259 -20.25 3.24 3.10
N LYS A 260 -20.17 2.68 4.32
CA LYS A 260 -19.83 3.49 5.49
C LYS A 260 -18.48 4.18 5.31
N CYS A 261 -17.57 3.58 4.56
CA CYS A 261 -16.28 4.19 4.26
C CYS A 261 -16.41 5.43 3.36
N TRP A 262 -17.58 5.68 2.80
CA TRP A 262 -17.77 6.76 1.82
C TRP A 262 -18.73 7.82 2.32
N MET A 263 -18.95 7.90 3.62
CA MET A 263 -19.78 8.96 4.16
C MET A 263 -18.98 10.25 4.25
N ILE A 264 -19.64 11.36 3.97
CA ILE A 264 -18.94 12.64 3.89
C ILE A 264 -18.42 13.10 5.25
N ASP A 265 -19.17 12.84 6.33
CA ASP A 265 -18.64 13.15 7.67
C ASP A 265 -17.59 12.11 8.03
N ALA A 266 -16.31 12.52 8.02
CA ALA A 266 -15.23 11.57 8.26
C ALA A 266 -15.33 10.95 9.65
N ASP A 267 -15.83 11.70 10.63
CA ASP A 267 -15.91 11.19 11.99
C ASP A 267 -16.86 10.00 12.12
N SER A 268 -17.84 9.89 11.23
CA SER A 268 -18.80 8.80 11.28
C SER A 268 -18.38 7.61 10.42
N ARG A 269 -17.27 7.73 9.69
CA ARG A 269 -16.75 6.59 8.94
C ARG A 269 -16.08 5.60 9.88
N PRO A 270 -15.94 4.34 9.47
CA PRO A 270 -15.29 3.35 10.34
C PRO A 270 -13.82 3.67 10.55
N LYS A 271 -13.23 2.94 11.50
CA LYS A 271 -11.81 3.03 11.77
C LYS A 271 -11.17 1.68 11.50
N PHE A 272 -9.90 1.71 11.09
CA PHE A 272 -9.21 0.49 10.67
C PHE A 272 -9.28 -0.59 11.74
N ARG A 273 -9.20 -0.19 13.01
CA ARG A 273 -9.35 -1.15 14.10
C ARG A 273 -10.70 -1.87 14.02
N GLU A 274 -11.74 -1.16 13.61
CA GLU A 274 -13.04 -1.79 13.49
C GLU A 274 -13.14 -2.65 12.23
N LEU A 275 -12.53 -2.19 11.13
CA LEU A 275 -12.59 -2.95 9.89
C LEU A 275 -11.93 -4.32 10.05
N ILE A 276 -10.84 -4.39 10.82
CA ILE A 276 -10.21 -5.68 11.10
C ILE A 276 -11.24 -6.65 11.68
N ILE A 277 -11.93 -6.23 12.73
CA ILE A 277 -12.86 -7.12 13.42
C ILE A 277 -13.96 -7.61 12.48
N GLU A 278 -14.55 -6.69 11.71
CA GLU A 278 -15.69 -7.07 10.89
C GLU A 278 -15.29 -7.97 9.72
N PHE A 279 -14.11 -7.77 9.14
CA PHE A 279 -13.66 -8.69 8.09
C PHE A 279 -13.12 -9.98 8.68
N SER A 280 -12.49 -9.91 9.86
CA SER A 280 -12.08 -11.14 10.53
C SER A 280 -13.26 -12.04 10.82
N LYS A 281 -14.40 -11.44 11.21
CA LYS A 281 -15.59 -12.25 11.47
C LYS A 281 -16.13 -12.86 10.18
N MET A 282 -16.04 -12.14 9.07
CA MET A 282 -16.54 -12.70 7.81
C MET A 282 -15.63 -13.80 7.28
N ALA A 283 -14.32 -13.69 7.54
CA ALA A 283 -13.38 -14.72 7.09
C ALA A 283 -13.62 -16.06 7.75
N ARG A 284 -14.42 -16.12 8.83
CA ARG A 284 -14.71 -17.40 9.43
C ARG A 284 -15.59 -18.26 8.53
N ASP A 285 -16.50 -17.63 7.77
CA ASP A 285 -17.36 -18.35 6.84
C ASP A 285 -17.46 -17.56 5.54
N PRO A 286 -16.46 -17.68 4.67
CA PRO A 286 -16.38 -16.76 3.52
C PRO A 286 -17.55 -16.86 2.55
N GLN A 287 -18.10 -18.06 2.35
CA GLN A 287 -19.13 -18.23 1.34
C GLN A 287 -20.50 -17.72 1.80
N ARG A 288 -20.62 -17.23 3.03
CA ARG A 288 -21.84 -16.54 3.44
C ARG A 288 -21.85 -15.07 3.03
N TYR A 289 -20.69 -14.51 2.66
CA TYR A 289 -20.58 -13.09 2.37
C TYR A 289 -20.08 -12.76 0.97
N LEU A 290 -19.56 -13.74 0.24
CA LEU A 290 -19.22 -13.57 -1.16
C LEU A 290 -19.69 -14.81 -1.91
N VAL A 291 -20.47 -14.59 -2.97
CA VAL A 291 -21.01 -15.70 -3.75
C VAL A 291 -20.32 -15.74 -5.11
N ILE A 292 -19.23 -16.48 -5.20
CA ILE A 292 -18.44 -16.58 -6.42
C ILE A 292 -18.71 -17.92 -7.08
N GLN A 293 -18.95 -17.89 -8.39
CA GLN A 293 -19.26 -19.11 -9.13
C GLN A 293 -18.12 -20.12 -9.02
N GLY A 294 -18.37 -21.23 -8.33
CA GLY A 294 -17.42 -22.32 -8.25
C GLY A 294 -16.12 -21.96 -7.57
N ASP A 295 -16.19 -21.27 -6.43
CA ASP A 295 -14.99 -20.84 -5.73
C ASP A 295 -14.39 -21.94 -4.87
N GLU A 296 -15.15 -23.00 -4.58
CA GLU A 296 -14.71 -24.07 -3.69
C GLU A 296 -13.36 -24.67 -4.11
N ASP A 317 22.90 -21.06 -7.05
CA ASP A 317 23.00 -21.55 -5.68
C ASP A 317 21.99 -20.86 -4.79
N MET A 318 21.09 -21.65 -4.19
CA MET A 318 20.03 -21.12 -3.34
C MET A 318 20.11 -21.69 -1.93
N ASP A 319 21.28 -22.18 -1.53
CA ASP A 319 21.40 -22.88 -0.26
C ASP A 319 21.30 -21.92 0.92
N ASP A 320 21.87 -20.72 0.79
CA ASP A 320 21.94 -19.75 1.87
C ASP A 320 20.92 -18.62 1.71
N VAL A 321 19.88 -18.83 0.92
CA VAL A 321 18.88 -17.79 0.74
C VAL A 321 18.04 -17.66 2.00
N VAL A 322 17.71 -16.41 2.35
CA VAL A 322 16.92 -16.10 3.52
C VAL A 322 15.97 -14.97 3.13
N ASP A 323 14.69 -15.13 3.43
CA ASP A 323 13.74 -14.07 3.19
C ASP A 323 14.03 -12.88 4.09
N ALA A 324 13.75 -11.67 3.58
CA ALA A 324 13.99 -10.46 4.34
C ALA A 324 13.24 -10.43 5.66
N ASP A 325 12.12 -11.16 5.77
CA ASP A 325 11.39 -11.15 7.04
C ASP A 325 12.07 -11.98 8.12
N GLU A 326 13.09 -12.76 7.78
CA GLU A 326 13.91 -13.45 8.76
C GLU A 326 15.26 -12.79 8.96
N TYR A 327 15.63 -11.82 8.13
CA TYR A 327 16.88 -11.10 8.32
C TYR A 327 16.59 -9.82 9.11
N LEU A 328 16.61 -9.94 10.43
CA LEU A 328 16.35 -8.77 11.25
C LEU A 328 17.63 -7.99 11.48
N ILE A 329 17.48 -6.68 11.65
CA ILE A 329 18.61 -5.77 11.83
C ILE A 329 18.98 -5.69 13.30
N PRO A 330 20.27 -5.60 13.66
CA PRO A 330 20.73 -5.48 15.05
C PRO A 330 20.24 -4.20 15.73
C01 R25 B . 9.17 -11.17 -9.18
C03 R25 B . 8.28 -9.03 -9.30
C04 R25 B . 7.83 -9.24 -10.62
C05 R25 B . 6.90 -8.34 -11.18
C07 R25 B . 6.83 -7.47 -13.62
C08 R25 B . 6.36 -7.75 -15.07
C09 R25 B . 6.57 -9.12 -15.50
C11 R25 B . 6.03 -10.16 -14.58
C12 R25 B . 6.48 -10.00 -13.12
C13 R25 B . 6.43 -7.21 -10.45
C14 R25 B . 6.88 -7.00 -9.13
C15 R25 B . 7.81 -7.90 -8.55
C17 R25 B . 8.57 -6.41 -6.56
C19 R25 B . 9.40 -5.30 -4.76
C20 R25 B . 9.07 -4.10 -5.41
C21 R25 B . 9.41 -2.69 -4.68
C23 R25 B . 10.82 -0.73 -4.75
C24 R25 B . 12.29 -1.15 -4.94
C25 R25 B . 10.50 0.59 -5.39
C27 R25 B . 8.48 -4.14 -6.68
C28 R25 B . 8.09 -2.88 -7.50
C29 R25 B . 7.62 -1.58 -6.98
C31 R25 B . 6.89 0.62 -7.93
C32 R25 B . 7.64 -1.47 -9.26
C33 R25 B . 8.09 -2.78 -8.94
C34 R25 B . 8.41 -3.66 -9.95
C35 R25 B . 8.32 -3.27 -11.28
C36 R25 B . 7.87 -1.93 -11.61
C37 R25 B . 7.54 -1.07 -10.63
N06 R25 B . 6.40 -8.56 -12.60
N10 R25 B . 8.02 -9.33 -15.59
N16 R25 B . 8.31 -7.72 -7.18
N18 R25 B . 9.13 -6.39 -5.35
N30 R25 B . 7.37 -0.77 -8.03
N38 R25 B . 8.27 -5.29 -7.19
O02 R25 B . 9.19 -9.89 -8.71
O22 R25 B . 10.01 -1.71 -5.45
O26 R25 B . 9.15 -2.54 -3.46
O1 MES C . -3.31 4.27 -12.17
C2 MES C . -2.50 5.42 -12.41
C3 MES C . -2.96 6.60 -11.53
N4 MES C . -4.39 6.77 -11.72
C5 MES C . -5.24 5.60 -11.55
C6 MES C . -4.68 4.53 -12.48
C7 MES C . -4.97 8.07 -11.38
C8 MES C . -6.35 8.12 -12.04
S MES C . -7.23 9.41 -11.47
O1S MES C . -7.36 9.29 -10.00
O2S MES C . -6.50 10.65 -11.78
O3S MES C . -8.58 9.48 -12.06
#